data_4XZI
#
_entry.id   4XZI
#
_cell.length_a   74.065
_cell.length_b   84.780
_cell.length_c   105.239
_cell.angle_alpha   90.00
_cell.angle_beta   90.00
_cell.angle_gamma   90.00
#
_symmetry.space_group_name_H-M   'I 2 2 2'
#
loop_
_entity.id
_entity.type
_entity.pdbx_description
1 polymer 'Aldose reductase'
2 non-polymer 'NADP NICOTINAMIDE-ADENINE-DINUCLEOTIDE PHOSPHATE'
3 non-polymer '[2,4-dioxo-3-(2,3,4,5-tetrabromo-6-methoxybenzyl)-3,4-dihydropyrimidin-1(2H)-yl]acetic acid'
4 water water
#
_entity_poly.entity_id   1
_entity_poly.type   'polypeptide(L)'
_entity_poly.pdbx_seq_one_letter_code
;MASRILLNNGAKMPILGLGTWKSPPGQVTEAVKVAIDVGYRHIDCAHVYQNENEVGVAIQEKLREQVVKREELFIVSKLW
CTYHEKGLVKGACQKTLSDLKLDYLDLYLIHWPTGFKPGKEFFPLDESGNVVPSDTNILDTWAAMEELVDEGLVKAIGIS
NFNHLQVEMILNKPGLKYKPAVNQIECHPYLTQEKLIQYCQSKGIVVTAYSPLGSPDRPWAKPEDPSLLEDPRIKAIAAK
HNKTTAQVLIRFPMQRNLVVIPKSVTPERIAENFKVFDFELSSQDMTTLLSYNRNWRVCALLSCTSHKDYPFHEEF
;
_entity_poly.pdbx_strand_id   A
#
# COMPACT_ATOMS: atom_id res chain seq x y z
N MET A 1 1.67 -7.50 -16.77
CA MET A 1 2.07 -8.84 -16.42
C MET A 1 0.87 -9.70 -16.01
N ALA A 2 1.12 -10.84 -15.39
CA ALA A 2 0.03 -11.73 -14.97
C ALA A 2 -0.76 -11.06 -13.83
N SER A 3 -2.04 -10.98 -13.95
CA SER A 3 -3.02 -10.34 -13.07
C SER A 3 -2.82 -10.70 -11.60
N ARG A 4 -2.48 -11.92 -11.32
CA ARG A 4 -2.26 -12.33 -9.93
C ARG A 4 -0.83 -12.80 -9.65
N ILE A 5 0.07 -11.87 -9.29
CA ILE A 5 1.46 -12.22 -8.97
C ILE A 5 1.56 -13.16 -7.79
N LEU A 6 2.54 -14.01 -7.78
CA LEU A 6 2.59 -14.94 -6.69
C LEU A 6 3.57 -14.54 -5.59
N LEU A 7 3.10 -14.79 -4.38
CA LEU A 7 3.80 -14.35 -3.19
C LEU A 7 4.65 -15.52 -2.69
N ASN A 8 5.59 -15.31 -1.73
CA ASN A 8 6.52 -16.34 -1.31
C ASN A 8 5.82 -17.19 -0.26
N ASN A 9 4.52 -17.14 -0.27
CA ASN A 9 3.76 -17.91 0.70
C ASN A 9 2.76 -18.84 0.05
N GLY A 10 2.81 -18.95 -1.27
CA GLY A 10 1.91 -19.84 -1.99
C GLY A 10 0.76 -19.14 -2.70
N ALA A 11 0.25 -18.07 -2.07
CA ALA A 11 -0.88 -17.32 -2.62
C ALA A 11 -0.48 -16.44 -3.81
N LYS A 12 -1.42 -16.22 -4.73
CA LYS A 12 -1.25 -15.18 -5.75
C LYS A 12 -2.00 -13.91 -5.34
N MET A 13 -1.55 -12.78 -5.88
CA MET A 13 -2.07 -11.48 -5.45
C MET A 13 -2.34 -10.56 -6.66
N PRO A 14 -3.57 -10.04 -6.73
CA PRO A 14 -3.94 -9.17 -7.85
C PRO A 14 -3.00 -7.97 -7.99
N ILE A 15 -2.41 -7.77 -9.15
CA ILE A 15 -1.44 -6.69 -9.32
C ILE A 15 -2.10 -5.32 -9.39
N LEU A 16 -3.42 -5.29 -9.49
CA LEU A 16 -4.13 -4.02 -9.46
C LEU A 16 -5.13 -4.13 -8.33
N GLY A 17 -5.16 -3.10 -7.48
CA GLY A 17 -6.02 -3.07 -6.32
C GLY A 17 -6.62 -1.69 -6.08
N LEU A 18 -7.67 -1.64 -5.29
CA LEU A 18 -8.30 -0.38 -4.94
C LEU A 18 -7.68 0.18 -3.66
N GLY A 19 -7.06 1.35 -3.75
CA GLY A 19 -6.55 2.09 -2.60
C GLY A 19 -7.65 2.83 -1.85
N THR A 20 -7.65 2.75 -0.52
CA THR A 20 -8.65 3.48 0.28
C THR A 20 -8.15 4.51 1.34
N TRP A 21 -6.95 5.04 1.18
CA TRP A 21 -6.53 6.14 2.05
C TRP A 21 -7.24 7.40 1.56
N LYS A 22 -7.86 8.13 2.50
CA LYS A 22 -8.57 9.40 2.21
CA LYS A 22 -8.58 9.38 2.24
C LYS A 22 -9.99 9.20 1.65
N SER A 23 -10.47 7.97 1.65
CA SER A 23 -11.83 7.66 1.21
C SER A 23 -12.72 7.72 2.42
N PRO A 24 -13.48 8.84 2.58
CA PRO A 24 -14.30 9.09 3.78
C PRO A 24 -15.27 7.96 4.01
N PRO A 25 -15.47 7.58 5.27
CA PRO A 25 -16.45 6.54 5.62
C PRO A 25 -17.78 6.62 4.80
N GLY A 26 -18.30 7.84 4.61
CA GLY A 26 -19.56 8.04 3.91
C GLY A 26 -19.56 7.70 2.44
N GLN A 27 -18.38 7.60 1.83
CA GLN A 27 -18.30 7.28 0.41
C GLN A 27 -17.67 5.93 0.14
N VAL A 28 -16.95 5.38 1.12
CA VAL A 28 -16.06 4.28 0.83
C VAL A 28 -16.79 2.98 0.56
N THR A 29 -17.98 2.81 1.12
CA THR A 29 -18.71 1.57 0.89
C THR A 29 -19.08 1.46 -0.58
N GLU A 30 -19.74 2.49 -1.09
CA GLU A 30 -20.21 2.47 -2.44
C GLU A 30 -19.03 2.32 -3.44
N ALA A 31 -17.85 2.80 -3.05
CA ALA A 31 -16.65 2.68 -3.90
C ALA A 31 -16.12 1.25 -3.96
N VAL A 32 -16.21 0.54 -2.85
CA VAL A 32 -15.77 -0.84 -2.79
C VAL A 32 -16.80 -1.78 -3.43
N LYS A 33 -18.08 -1.43 -3.33
CA LYS A 33 -19.12 -2.17 -4.04
C LYS A 33 -18.89 -1.99 -5.51
N VAL A 34 -18.81 -0.75 -5.96
CA VAL A 34 -18.48 -0.48 -7.37
C VAL A 34 -17.19 -1.16 -7.87
N ALA A 35 -16.09 -0.99 -7.15
CA ALA A 35 -14.80 -1.50 -7.63
C ALA A 35 -14.87 -3.00 -7.76
N ILE A 36 -15.66 -3.64 -6.91
CA ILE A 36 -15.80 -5.07 -7.01
C ILE A 36 -16.65 -5.41 -8.24
N ASP A 37 -17.72 -4.64 -8.44
CA ASP A 37 -18.56 -4.76 -9.65
C ASP A 37 -17.74 -4.72 -10.94
N VAL A 38 -16.86 -3.73 -11.08
CA VAL A 38 -16.04 -3.64 -12.29
C VAL A 38 -15.03 -4.79 -12.42
N GLY A 39 -14.55 -5.32 -11.29
CA GLY A 39 -13.60 -6.42 -11.35
C GLY A 39 -12.42 -6.49 -10.38
N TYR A 40 -12.07 -5.36 -9.75
CA TYR A 40 -11.05 -5.32 -8.69
C TYR A 40 -11.22 -6.52 -7.78
N ARG A 41 -10.12 -7.20 -7.46
CA ARG A 41 -10.24 -8.32 -6.51
C ARG A 41 -9.34 -8.12 -5.30
N HIS A 42 -8.80 -6.91 -5.24
CA HIS A 42 -7.79 -6.56 -4.27
C HIS A 42 -8.10 -5.22 -3.62
N ILE A 43 -8.28 -5.21 -2.30
CA ILE A 43 -8.48 -3.96 -1.61
C ILE A 43 -7.36 -3.59 -0.64
N ASP A 44 -6.74 -2.43 -0.83
CA ASP A 44 -5.74 -1.97 0.14
C ASP A 44 -6.41 -1.21 1.29
N CYS A 45 -6.25 -1.71 2.50
CA CYS A 45 -6.86 -1.08 3.67
C CYS A 45 -5.85 -0.77 4.77
N ALA A 46 -6.21 0.18 5.63
CA ALA A 46 -5.49 0.35 6.89
C ALA A 46 -6.43 0.76 8.05
N HIS A 47 -6.12 0.30 9.25
CA HIS A 47 -6.81 0.75 10.46
C HIS A 47 -6.84 2.27 10.52
N VAL A 48 -5.66 2.87 10.31
CA VAL A 48 -5.49 4.33 10.33
C VAL A 48 -6.23 5.12 9.24
N TYR A 49 -6.97 4.44 8.36
CA TYR A 49 -7.78 5.16 7.36
C TYR A 49 -9.17 5.42 7.92
N GLN A 50 -9.41 4.85 9.10
CA GLN A 50 -10.60 5.15 9.88
C GLN A 50 -11.88 4.94 9.08
N ASN A 51 -11.91 3.86 8.29
CA ASN A 51 -13.06 3.56 7.44
C ASN A 51 -13.21 2.07 7.25
N GLU A 52 -12.46 1.29 8.02
CA GLU A 52 -12.51 -0.16 7.87
C GLU A 52 -13.91 -0.77 8.03
N ASN A 53 -14.67 -0.29 9.02
CA ASN A 53 -16.07 -0.70 9.20
CA ASN A 53 -16.06 -0.70 9.20
C ASN A 53 -16.87 -0.56 7.90
N GLU A 54 -16.84 0.64 7.34
CA GLU A 54 -17.54 0.98 6.10
C GLU A 54 -17.05 0.17 4.91
N VAL A 55 -15.75 0.03 4.78
CA VAL A 55 -15.17 -0.88 3.80
C VAL A 55 -15.80 -2.26 4.00
N GLY A 56 -15.66 -2.79 5.22
CA GLY A 56 -16.13 -4.11 5.55
C GLY A 56 -17.58 -4.37 5.18
N VAL A 57 -18.43 -3.38 5.43
CA VAL A 57 -19.79 -3.42 4.90
C VAL A 57 -19.84 -3.79 3.40
N ALA A 58 -19.15 -3.05 2.56
CA ALA A 58 -19.22 -3.28 1.11
C ALA A 58 -18.79 -4.70 0.71
N ILE A 59 -17.80 -5.22 1.43
CA ILE A 59 -17.22 -6.53 1.19
C ILE A 59 -18.19 -7.64 1.58
N GLN A 60 -18.87 -7.44 2.70
CA GLN A 60 -19.85 -8.41 3.16
CA GLN A 60 -19.85 -8.41 3.16
C GLN A 60 -21.04 -8.39 2.21
N GLU A 61 -21.39 -7.20 1.75
CA GLU A 61 -22.52 -7.05 0.87
C GLU A 61 -22.32 -7.88 -0.37
N LYS A 62 -21.14 -7.81 -0.95
CA LYS A 62 -20.83 -8.52 -2.19
C LYS A 62 -20.75 -10.03 -2.01
N LEU A 63 -20.26 -10.47 -0.86
CA LEU A 63 -20.24 -11.89 -0.55
C LEU A 63 -21.66 -12.45 -0.40
N ARG A 64 -22.47 -11.73 0.37
CA ARG A 64 -23.84 -12.14 0.63
C ARG A 64 -24.79 -11.93 -0.55
N GLU A 65 -24.24 -11.61 -1.72
CA GLU A 65 -25.01 -11.65 -2.96
C GLU A 65 -24.25 -12.59 -3.89
N GLN A 66 -23.16 -13.14 -3.36
CA GLN A 66 -22.27 -14.04 -4.09
C GLN A 66 -21.82 -13.51 -5.45
N VAL A 67 -21.63 -12.19 -5.52
CA VAL A 67 -21.02 -11.53 -6.67
C VAL A 67 -19.56 -11.96 -6.76
N VAL A 68 -18.97 -12.23 -5.58
CA VAL A 68 -17.59 -12.69 -5.47
C VAL A 68 -17.51 -13.61 -4.26
N LYS A 69 -16.59 -14.58 -4.22
CA LYS A 69 -16.44 -15.51 -3.12
C LYS A 69 -15.27 -15.00 -2.29
N ARG A 70 -15.27 -15.47 -1.15
CA ARG A 70 -14.27 -14.95 -0.23
C ARG A 70 -12.87 -15.19 -0.78
N GLU A 71 -12.53 -16.46 -0.99
CA GLU A 71 -11.24 -16.86 -1.55
C GLU A 71 -10.88 -16.19 -2.88
N GLU A 72 -11.81 -15.46 -3.48
CA GLU A 72 -11.47 -14.67 -4.68
C GLU A 72 -10.93 -13.30 -4.28
N LEU A 73 -11.22 -12.89 -3.05
CA LEU A 73 -10.86 -11.56 -2.58
C LEU A 73 -9.46 -11.54 -1.98
N PHE A 74 -8.63 -10.62 -2.45
CA PHE A 74 -7.34 -10.40 -1.81
C PHE A 74 -7.39 -9.10 -1.00
N ILE A 75 -7.47 -9.26 0.31
CA ILE A 75 -7.71 -8.16 1.22
C ILE A 75 -6.49 -7.86 2.07
N VAL A 76 -6.09 -6.60 2.05
CA VAL A 76 -4.89 -6.13 2.72
C VAL A 76 -5.19 -5.09 3.79
N SER A 77 -4.80 -5.34 5.03
CA SER A 77 -4.79 -4.25 6.01
C SER A 77 -3.39 -4.05 6.57
N LYS A 78 -3.24 -3.05 7.45
CA LYS A 78 -1.92 -2.77 8.00
C LYS A 78 -1.98 -2.44 9.48
N LEU A 79 -0.90 -2.77 10.17
CA LEU A 79 -0.75 -2.48 11.59
C LEU A 79 -0.14 -1.08 11.78
N TRP A 80 -0.95 -0.18 12.35
CA TRP A 80 -0.52 1.18 12.55
C TRP A 80 0.59 1.26 13.57
N CYS A 81 1.31 2.37 13.55
CA CYS A 81 2.52 2.53 14.34
C CYS A 81 2.29 2.55 15.85
N THR A 82 1.08 2.88 16.30
CA THR A 82 0.82 2.97 17.74
C THR A 82 0.63 1.59 18.33
N TYR A 83 0.87 0.58 17.50
CA TYR A 83 0.52 -0.77 17.87
C TYR A 83 1.69 -1.72 17.72
N HIS A 84 2.90 -1.17 17.75
CA HIS A 84 4.09 -2.01 17.56
C HIS A 84 4.48 -2.84 18.78
N GLU A 85 4.18 -2.33 19.97
CA GLU A 85 4.45 -3.06 21.21
C GLU A 85 3.85 -4.45 21.05
N LYS A 86 4.71 -5.47 21.08
CA LYS A 86 4.35 -6.83 20.64
C LYS A 86 3.03 -7.37 21.22
N GLY A 87 2.75 -7.02 22.48
CA GLY A 87 1.53 -7.47 23.12
C GLY A 87 0.28 -6.84 22.53
N LEU A 88 0.43 -5.76 21.77
CA LEU A 88 -0.77 -5.10 21.25
C LEU A 88 -1.12 -5.48 19.80
N VAL A 89 -0.22 -6.21 19.13
CA VAL A 89 -0.36 -6.53 17.71
C VAL A 89 -1.59 -7.37 17.42
N LYS A 90 -1.69 -8.50 18.11
CA LYS A 90 -2.85 -9.38 17.97
C LYS A 90 -4.15 -8.58 18.09
N GLY A 91 -4.30 -7.81 19.17
CA GLY A 91 -5.53 -7.06 19.39
C GLY A 91 -5.84 -6.11 18.25
N ALA A 92 -4.81 -5.39 17.80
CA ALA A 92 -4.95 -4.48 16.67
C ALA A 92 -5.41 -5.26 15.44
N CYS A 93 -4.92 -6.47 15.28
CA CYS A 93 -5.27 -7.25 14.12
C CYS A 93 -6.71 -7.71 14.19
N GLN A 94 -7.14 -8.12 15.38
CA GLN A 94 -8.49 -8.64 15.57
C GLN A 94 -9.49 -7.53 15.32
N LYS A 95 -9.22 -6.38 15.95
CA LYS A 95 -9.97 -5.15 15.72
C LYS A 95 -10.23 -4.84 14.22
N THR A 96 -9.18 -4.86 13.39
CA THR A 96 -9.38 -4.58 11.98
C THR A 96 -10.12 -5.73 11.29
N LEU A 97 -9.92 -6.96 11.76
CA LEU A 97 -10.71 -8.08 11.27
C LEU A 97 -12.18 -7.84 11.56
N SER A 98 -12.44 -7.42 12.79
CA SER A 98 -13.78 -7.13 13.24
C SER A 98 -14.41 -5.96 12.47
N ASP A 99 -13.59 -4.98 12.10
CA ASP A 99 -14.07 -3.81 11.34
C ASP A 99 -14.54 -4.22 9.96
N LEU A 100 -13.65 -4.91 9.27
CA LEU A 100 -13.85 -5.38 7.93
C LEU A 100 -14.89 -6.49 7.90
N LYS A 101 -15.10 -7.10 9.07
CA LYS A 101 -16.00 -8.24 9.20
C LYS A 101 -15.49 -9.42 8.40
N LEU A 102 -14.30 -9.87 8.78
CA LEU A 102 -13.61 -10.98 8.11
C LEU A 102 -13.10 -11.95 9.16
N ASP A 103 -12.87 -13.17 8.76
CA ASP A 103 -12.34 -14.16 9.68
C ASP A 103 -10.82 -14.11 9.60
N TYR A 104 -10.35 -13.71 8.36
CA TYR A 104 -8.91 -13.69 8.03
C TYR A 104 -8.52 -12.59 7.03
N LEU A 105 -7.29 -12.10 7.14
CA LEU A 105 -6.74 -11.21 6.13
C LEU A 105 -5.85 -11.98 5.18
N ASP A 106 -5.74 -11.52 3.94
CA ASP A 106 -4.86 -12.18 2.98
C ASP A 106 -3.48 -11.60 3.18
N LEU A 107 -3.41 -10.41 3.76
CA LEU A 107 -2.13 -9.75 3.92
C LEU A 107 -2.17 -8.63 4.94
N TYR A 108 -1.36 -8.77 5.99
CA TYR A 108 -1.20 -7.73 6.99
C TYR A 108 0.20 -7.14 6.91
N LEU A 109 0.30 -5.83 6.72
CA LEU A 109 1.59 -5.12 6.66
C LEU A 109 1.95 -4.38 7.96
N ILE A 110 3.24 -4.30 8.24
CA ILE A 110 3.69 -3.33 9.23
C ILE A 110 3.71 -2.03 8.46
N HIS A 111 2.85 -1.12 8.89
CA HIS A 111 2.48 0.03 8.08
C HIS A 111 3.67 0.98 7.84
N TRP A 112 4.45 1.23 8.89
CA TRP A 112 5.70 1.98 8.84
C TRP A 112 6.66 1.29 9.79
N PRO A 113 7.98 1.39 9.53
CA PRO A 113 8.99 0.80 10.41
C PRO A 113 9.10 1.47 11.78
N THR A 114 8.38 2.57 11.97
CA THR A 114 8.51 3.45 13.13
C THR A 114 7.40 3.27 14.19
N GLY A 115 7.79 2.90 15.41
CA GLY A 115 6.81 2.73 16.48
C GLY A 115 6.38 4.00 17.22
N PHE A 116 5.07 4.21 17.37
CA PHE A 116 4.58 5.36 18.13
C PHE A 116 4.09 4.95 19.52
N LYS A 117 3.97 5.93 20.43
CA LYS A 117 3.37 5.73 21.74
C LYS A 117 1.95 5.23 21.55
N PRO A 118 1.61 4.12 22.24
CA PRO A 118 0.28 3.54 22.08
C PRO A 118 -0.81 4.46 22.63
N GLY A 119 -1.88 4.63 21.85
CA GLY A 119 -3.05 5.34 22.31
C GLY A 119 -4.16 5.36 21.28
N LYS A 120 -5.13 6.25 21.50
CA LYS A 120 -6.18 6.52 20.56
C LYS A 120 -5.67 7.46 19.48
N GLU A 121 -4.95 8.50 19.91
CA GLU A 121 -4.27 9.43 19.00
C GLU A 121 -3.34 8.69 18.02
N PHE A 122 -3.68 8.70 16.74
CA PHE A 122 -2.92 7.99 15.72
C PHE A 122 -1.49 8.53 15.53
N PHE A 123 -1.36 9.85 15.57
CA PHE A 123 -0.05 10.49 15.51
CA PHE A 123 -0.05 10.48 15.52
C PHE A 123 0.22 11.32 16.76
N PRO A 124 0.84 10.71 17.77
CA PRO A 124 1.05 11.48 19.00
C PRO A 124 2.33 12.28 18.93
N LEU A 125 2.19 13.60 19.23
CA LEU A 125 3.32 14.51 19.10
C LEU A 125 3.66 15.21 20.40
N ASP A 126 5.02 15.44 20.60
CA ASP A 126 5.51 16.28 21.68
C ASP A 126 5.29 17.75 21.33
N GLU A 127 5.77 18.67 22.16
CA GLU A 127 5.38 20.06 21.99
C GLU A 127 6.06 20.72 20.77
N SER A 128 7.15 20.11 20.33
CA SER A 128 7.94 20.59 19.18
C SER A 128 7.44 20.09 17.80
N GLY A 129 6.54 19.09 17.80
CA GLY A 129 5.93 18.59 16.58
C GLY A 129 6.44 17.28 15.98
N ASN A 130 7.44 16.68 16.61
CA ASN A 130 7.85 15.33 16.22
C ASN A 130 7.07 14.33 17.02
N VAL A 131 6.75 13.19 16.41
CA VAL A 131 6.00 12.17 17.12
C VAL A 131 6.73 11.61 18.32
N VAL A 132 5.94 11.04 19.22
CA VAL A 132 6.44 10.40 20.41
C VAL A 132 6.64 8.94 20.08
N PRO A 133 7.90 8.52 19.92
CA PRO A 133 8.15 7.11 19.58
C PRO A 133 7.78 6.19 20.73
N SER A 134 7.71 4.89 20.46
CA SER A 134 7.86 3.89 21.50
C SER A 134 9.24 3.33 21.33
N ASP A 135 9.85 2.78 22.37
CA ASP A 135 11.08 2.03 22.16
C ASP A 135 10.75 0.56 21.97
N THR A 136 10.16 0.32 20.82
CA THR A 136 9.87 -1.02 20.37
C THR A 136 10.91 -1.23 19.28
N ASN A 137 11.29 -2.46 19.04
CA ASN A 137 12.10 -2.69 17.86
C ASN A 137 11.38 -3.54 16.83
N ILE A 138 11.76 -3.32 15.58
CA ILE A 138 11.15 -3.96 14.44
C ILE A 138 11.00 -5.46 14.60
N LEU A 139 12.08 -6.12 15.01
CA LEU A 139 12.15 -7.58 15.02
C LEU A 139 11.13 -8.18 15.97
N ASP A 140 10.98 -7.55 17.14
CA ASP A 140 9.96 -7.94 18.12
C ASP A 140 8.56 -7.77 17.51
N THR A 141 8.35 -6.63 16.85
CA THR A 141 7.06 -6.38 16.21
C THR A 141 6.81 -7.43 15.14
N TRP A 142 7.82 -7.63 14.30
CA TRP A 142 7.75 -8.64 13.26
C TRP A 142 7.39 -10.04 13.78
N ALA A 143 7.99 -10.42 14.91
CA ALA A 143 7.73 -11.70 15.53
C ALA A 143 6.25 -11.84 15.95
N ALA A 144 5.65 -10.75 16.43
CA ALA A 144 4.22 -10.76 16.75
C ALA A 144 3.39 -10.93 15.49
N MET A 145 3.88 -10.37 14.39
CA MET A 145 3.22 -10.55 13.10
C MET A 145 3.24 -12.01 12.72
N GLU A 146 4.39 -12.65 12.89
CA GLU A 146 4.53 -14.06 12.51
C GLU A 146 3.53 -14.94 13.26
N GLU A 147 3.36 -14.66 14.55
CA GLU A 147 2.41 -15.40 15.36
C GLU A 147 1.01 -15.31 14.76
N LEU A 148 0.71 -14.21 14.09
CA LEU A 148 -0.59 -14.01 13.47
C LEU A 148 -0.82 -14.97 12.31
N VAL A 149 0.25 -15.27 11.59
CA VAL A 149 0.23 -16.28 10.53
C VAL A 149 -0.11 -17.65 11.12
N ASP A 150 0.70 -18.08 12.09
CA ASP A 150 0.53 -19.37 12.75
C ASP A 150 -0.86 -19.55 13.36
N GLU A 151 -1.49 -18.44 13.75
CA GLU A 151 -2.77 -18.50 14.45
C GLU A 151 -3.95 -18.49 13.48
N GLY A 152 -3.65 -18.33 12.19
CA GLY A 152 -4.66 -18.34 11.13
C GLY A 152 -5.40 -17.04 10.86
N LEU A 153 -4.97 -15.95 11.50
CA LEU A 153 -5.63 -14.65 11.36
C LEU A 153 -5.27 -13.93 10.04
N VAL A 154 -4.03 -14.11 9.62
CA VAL A 154 -3.56 -13.54 8.37
C VAL A 154 -2.95 -14.67 7.56
N LYS A 155 -2.96 -14.54 6.23
CA LYS A 155 -2.36 -15.56 5.39
C LYS A 155 -0.94 -15.17 4.92
N ALA A 156 -0.60 -13.90 5.02
CA ALA A 156 0.74 -13.42 4.66
C ALA A 156 1.10 -12.26 5.56
N ILE A 157 2.39 -11.91 5.60
CA ILE A 157 2.82 -10.69 6.28
C ILE A 157 3.86 -9.92 5.48
N GLY A 158 3.70 -8.60 5.45
CA GLY A 158 4.64 -7.76 4.73
C GLY A 158 5.04 -6.53 5.51
N ILE A 159 5.63 -5.58 4.80
CA ILE A 159 6.16 -4.40 5.40
C ILE A 159 5.90 -3.27 4.42
N SER A 160 5.97 -2.03 4.89
CA SER A 160 5.67 -0.93 4.03
C SER A 160 6.54 0.24 4.46
N ASN A 161 7.07 0.96 3.48
CA ASN A 161 8.06 1.98 3.75
C ASN A 161 9.28 1.46 4.47
N PHE A 162 9.73 0.26 4.14
CA PHE A 162 11.01 -0.17 4.68
C PHE A 162 12.15 0.12 3.70
N ASN A 163 13.25 0.69 4.19
CA ASN A 163 14.42 0.80 3.33
C ASN A 163 15.03 -0.58 3.20
N HIS A 164 16.11 -0.74 2.43
CA HIS A 164 16.60 -2.10 2.21
C HIS A 164 17.32 -2.66 3.44
N LEU A 165 18.06 -1.80 4.13
CA LEU A 165 18.69 -2.13 5.41
C LEU A 165 17.67 -2.60 6.43
N GLN A 166 16.45 -2.07 6.33
CA GLN A 166 15.38 -2.48 7.23
C GLN A 166 14.78 -3.84 6.89
N VAL A 167 14.72 -4.15 5.60
CA VAL A 167 14.25 -5.47 5.17
C VAL A 167 15.33 -6.47 5.52
N GLU A 168 16.56 -6.15 5.10
CA GLU A 168 17.73 -6.93 5.45
C GLU A 168 17.78 -7.32 6.94
N MET A 169 17.40 -6.41 7.82
CA MET A 169 17.43 -6.69 9.27
C MET A 169 16.42 -7.75 9.68
N ILE A 170 15.32 -7.85 8.94
CA ILE A 170 14.31 -8.87 9.23
C ILE A 170 14.75 -10.19 8.62
N LEU A 171 15.25 -10.09 7.41
CA LEU A 171 15.74 -11.25 6.68
C LEU A 171 16.78 -11.97 7.53
N ASN A 172 17.75 -11.22 8.06
CA ASN A 172 18.79 -11.80 8.89
C ASN A 172 18.42 -12.02 10.34
N LYS A 173 17.16 -11.78 10.69
CA LYS A 173 16.74 -11.99 12.08
C LYS A 173 16.86 -13.46 12.45
N PRO A 174 17.67 -13.77 13.47
CA PRO A 174 17.80 -15.13 13.97
C PRO A 174 16.44 -15.68 14.39
N GLY A 175 16.14 -16.91 14.01
CA GLY A 175 14.89 -17.55 14.36
C GLY A 175 13.71 -17.17 13.47
N LEU A 176 13.97 -16.36 12.45
CA LEU A 176 12.97 -15.91 11.48
C LEU A 176 12.09 -17.07 11.03
N LYS A 177 10.77 -16.87 11.04
CA LYS A 177 9.83 -17.93 10.70
CA LYS A 177 9.83 -17.93 10.69
C LYS A 177 9.28 -17.75 9.28
N TYR A 178 8.92 -16.51 8.94
CA TYR A 178 8.44 -16.18 7.59
C TYR A 178 9.14 -14.92 7.09
N LYS A 179 9.66 -14.96 5.87
CA LYS A 179 10.19 -13.76 5.23
C LYS A 179 9.00 -12.91 4.83
N PRO A 180 9.17 -11.58 4.81
CA PRO A 180 8.08 -10.73 4.37
C PRO A 180 7.73 -11.02 2.91
N ALA A 181 6.44 -11.07 2.64
CA ALA A 181 5.90 -11.39 1.33
C ALA A 181 5.89 -10.17 0.42
N VAL A 182 5.73 -8.99 1.03
CA VAL A 182 5.49 -7.76 0.30
C VAL A 182 6.17 -6.58 0.97
N ASN A 183 6.79 -5.71 0.17
CA ASN A 183 7.12 -4.38 0.66
C ASN A 183 6.26 -3.37 -0.08
N GLN A 184 5.39 -2.68 0.66
CA GLN A 184 4.57 -1.65 0.03
C GLN A 184 5.24 -0.30 0.13
N ILE A 185 5.60 0.28 -1.02
CA ILE A 185 6.31 1.54 -0.96
C ILE A 185 5.66 2.60 -1.85
N GLU A 186 6.06 3.86 -1.69
CA GLU A 186 5.63 4.91 -2.61
C GLU A 186 6.37 4.71 -3.95
N CYS A 187 5.64 4.53 -5.04
CA CYS A 187 6.30 4.51 -6.36
C CYS A 187 5.51 5.13 -7.52
N HIS A 188 6.18 6.02 -8.26
CA HIS A 188 5.62 6.77 -9.37
C HIS A 188 6.69 7.52 -10.17
N PRO A 189 6.35 7.94 -11.38
CA PRO A 189 7.27 8.71 -12.23
C PRO A 189 8.19 9.77 -11.59
N TYR A 190 7.80 10.46 -10.57
CA TYR A 190 8.78 11.34 -9.89
C TYR A 190 9.53 10.65 -8.74
N LEU A 191 9.35 9.34 -8.59
CA LEU A 191 10.05 8.57 -7.58
C LEU A 191 10.05 7.13 -8.06
N THR A 192 11.01 6.81 -8.91
CA THR A 192 11.00 5.54 -9.63
C THR A 192 11.47 4.32 -8.82
N GLN A 193 12.19 4.56 -7.72
CA GLN A 193 12.55 3.49 -6.76
C GLN A 193 13.39 2.34 -7.34
N GLU A 194 14.12 2.61 -8.43
CA GLU A 194 14.83 1.57 -9.17
CA GLU A 194 14.83 1.57 -9.17
C GLU A 194 15.70 0.70 -8.27
N LYS A 195 16.52 1.36 -7.44
CA LYS A 195 17.38 0.67 -6.47
C LYS A 195 16.65 -0.24 -5.48
N LEU A 196 15.66 0.30 -4.76
CA LEU A 196 14.93 -0.52 -3.78
C LEU A 196 14.05 -1.57 -4.45
N ILE A 197 13.52 -1.26 -5.65
CA ILE A 197 12.70 -2.23 -6.37
C ILE A 197 13.53 -3.46 -6.74
N GLN A 198 14.72 -3.17 -7.27
CA GLN A 198 15.71 -4.20 -7.57
C GLN A 198 15.95 -5.06 -6.35
N TYR A 199 16.39 -4.41 -5.26
CA TYR A 199 16.72 -5.14 -4.05
C TYR A 199 15.59 -6.09 -3.64
N CYS A 200 14.35 -5.60 -3.72
CA CYS A 200 13.22 -6.33 -3.16
C CYS A 200 12.82 -7.54 -3.99
N GLN A 201 12.82 -7.38 -5.31
CA GLN A 201 12.40 -8.47 -6.19
C GLN A 201 13.41 -9.59 -6.08
N SER A 202 14.70 -9.22 -6.14
CA SER A 202 15.82 -10.16 -6.00
C SER A 202 15.75 -11.04 -4.76
N LYS A 203 15.17 -10.50 -3.69
CA LYS A 203 15.03 -11.26 -2.45
C LYS A 203 13.73 -12.04 -2.47
N GLY A 204 13.03 -11.94 -3.60
CA GLY A 204 11.77 -12.64 -3.78
C GLY A 204 10.60 -11.98 -3.07
N ILE A 205 10.70 -10.67 -2.89
CA ILE A 205 9.66 -9.92 -2.20
C ILE A 205 8.89 -9.10 -3.20
N VAL A 206 7.57 -9.29 -3.26
CA VAL A 206 6.74 -8.51 -4.16
C VAL A 206 6.54 -7.04 -3.70
N VAL A 207 6.76 -6.11 -4.63
CA VAL A 207 6.67 -4.66 -4.41
C VAL A 207 5.33 -4.08 -4.86
N THR A 208 4.51 -3.63 -3.90
CA THR A 208 3.32 -2.85 -4.22
C THR A 208 3.70 -1.38 -4.22
N ALA A 209 3.24 -0.64 -5.22
CA ALA A 209 3.60 0.76 -5.39
C ALA A 209 2.43 1.59 -4.97
N TYR A 210 2.62 2.49 -4.01
CA TYR A 210 1.51 3.30 -3.54
C TYR A 210 1.55 4.73 -4.05
N SER A 211 0.43 5.44 -3.94
CA SER A 211 0.26 6.76 -4.55
C SER A 211 0.68 6.81 -6.03
N PRO A 212 0.18 5.87 -6.86
CA PRO A 212 0.65 5.88 -8.26
C PRO A 212 0.38 7.18 -9.02
N LEU A 213 -0.71 7.86 -8.66
CA LEU A 213 -1.08 9.08 -9.37
C LEU A 213 -0.49 10.29 -8.68
N GLY A 214 0.32 10.09 -7.67
CA GLY A 214 0.89 11.21 -6.99
C GLY A 214 0.13 11.82 -5.84
N SER A 215 -1.12 11.45 -5.66
CA SER A 215 -1.93 11.72 -4.48
C SER A 215 -2.23 13.20 -4.33
N PRO A 216 -2.62 13.83 -5.43
CA PRO A 216 -2.95 15.26 -5.43
C PRO A 216 -3.79 15.64 -4.22
N ASP A 217 -4.63 14.72 -3.76
CA ASP A 217 -5.48 14.96 -2.62
C ASP A 217 -4.76 14.83 -1.28
N ARG A 218 -3.46 14.52 -1.28
CA ARG A 218 -2.67 14.57 -0.05
C ARG A 218 -2.85 15.95 0.58
N PRO A 219 -3.27 15.97 1.85
CA PRO A 219 -3.69 17.19 2.55
C PRO A 219 -2.65 18.31 2.55
N TRP A 220 -1.37 17.93 2.59
CA TRP A 220 -0.30 18.91 2.66
C TRP A 220 0.28 19.24 1.28
N ALA A 221 -0.54 19.14 0.22
CA ALA A 221 -0.06 19.43 -1.12
C ALA A 221 0.04 20.94 -1.35
N LYS A 222 1.26 21.43 -1.55
CA LYS A 222 1.45 22.84 -1.87
C LYS A 222 0.98 23.02 -3.31
N PRO A 223 0.38 24.18 -3.61
CA PRO A 223 -0.12 24.48 -4.96
C PRO A 223 0.98 24.44 -6.01
N GLU A 224 2.19 24.85 -5.63
CA GLU A 224 3.32 24.89 -6.55
C GLU A 224 3.95 23.53 -6.83
N ASP A 225 3.39 22.47 -6.25
CA ASP A 225 3.98 21.13 -6.42
C ASP A 225 3.74 20.62 -7.83
N PRO A 226 4.62 19.74 -8.31
CA PRO A 226 4.42 19.09 -9.60
C PRO A 226 3.17 18.24 -9.58
N SER A 227 2.51 18.15 -10.72
CA SER A 227 1.33 17.31 -10.84
C SER A 227 1.51 16.30 -11.96
N LEU A 228 1.62 15.03 -11.61
CA LEU A 228 1.73 13.96 -12.61
C LEU A 228 0.62 14.01 -13.62
N LEU A 229 -0.59 14.23 -13.14
CA LEU A 229 -1.77 14.15 -13.99
C LEU A 229 -1.85 15.30 -14.99
N GLU A 230 -1.19 16.40 -14.64
CA GLU A 230 -1.19 17.64 -15.42
CA GLU A 230 -1.21 17.59 -15.49
C GLU A 230 0.19 17.97 -16.00
N ASP A 231 1.03 16.95 -16.19
CA ASP A 231 2.36 17.15 -16.79
C ASP A 231 2.22 16.90 -18.27
N PRO A 232 2.52 17.93 -19.10
CA PRO A 232 2.43 17.90 -20.56
C PRO A 232 3.19 16.71 -21.15
N ARG A 233 4.38 16.46 -20.64
CA ARG A 233 5.21 15.35 -21.07
C ARG A 233 4.51 13.99 -20.88
N ILE A 234 3.67 13.91 -19.86
CA ILE A 234 3.00 12.66 -19.50
C ILE A 234 1.64 12.61 -20.16
N LYS A 235 1.11 13.77 -20.48
CA LYS A 235 -0.19 13.86 -21.15
C LYS A 235 -0.07 13.27 -22.56
N ALA A 236 1.07 13.50 -23.18
CA ALA A 236 1.36 13.09 -24.56
C ALA A 236 1.29 11.59 -24.78
N ILE A 237 1.99 10.86 -23.91
CA ILE A 237 2.08 9.41 -24.01
C ILE A 237 0.70 8.78 -23.93
N ALA A 238 -0.19 9.48 -23.25
CA ALA A 238 -1.58 9.06 -23.06
C ALA A 238 -2.42 9.29 -24.33
N ALA A 239 -2.27 10.48 -24.91
CA ALA A 239 -2.94 10.84 -26.16
C ALA A 239 -2.47 9.92 -27.28
N LYS A 240 -1.15 9.72 -27.32
CA LYS A 240 -0.52 8.77 -28.21
C LYS A 240 -1.15 7.38 -28.10
N HIS A 241 -1.56 7.00 -26.89
CA HIS A 241 -2.10 5.68 -26.65
C HIS A 241 -3.62 5.65 -26.63
N ASN A 242 -4.24 6.82 -26.79
CA ASN A 242 -5.70 6.94 -26.67
C ASN A 242 -6.17 6.35 -25.33
N LYS A 243 -5.53 6.80 -24.26
CA LYS A 243 -5.86 6.43 -22.88
C LYS A 243 -5.62 7.68 -22.03
N THR A 244 -6.06 7.69 -20.78
CA THR A 244 -5.88 8.88 -19.92
C THR A 244 -4.52 8.92 -19.22
N THR A 245 -4.06 10.12 -18.87
CA THR A 245 -2.79 10.28 -18.15
C THR A 245 -2.73 9.37 -16.93
N ALA A 246 -3.87 9.21 -16.25
CA ALA A 246 -3.98 8.30 -15.10
C ALA A 246 -3.76 6.84 -15.51
N GLN A 247 -4.40 6.40 -16.58
CA GLN A 247 -4.26 5.01 -17.05
C GLN A 247 -2.81 4.68 -17.44
N VAL A 248 -2.10 5.64 -17.99
CA VAL A 248 -0.65 5.51 -18.17
C VAL A 248 -0.07 5.21 -16.82
N LEU A 249 -0.10 6.22 -15.94
CA LEU A 249 0.45 6.16 -14.57
C LEU A 249 0.18 4.83 -13.86
N ILE A 250 -0.93 4.20 -14.15
CA ILE A 250 -1.28 2.97 -13.52
C ILE A 250 -0.69 1.74 -14.18
N ARG A 251 -0.55 1.78 -15.48
CA ARG A 251 0.04 0.67 -16.20
C ARG A 251 1.56 0.65 -16.11
N PHE A 252 2.14 1.84 -15.94
CA PHE A 252 3.58 2.03 -15.74
C PHE A 252 4.15 1.06 -14.68
N PRO A 253 3.67 1.13 -13.43
CA PRO A 253 4.33 0.24 -12.49
C PRO A 253 3.97 -1.22 -12.74
N MET A 254 2.87 -1.47 -13.43
CA MET A 254 2.42 -2.85 -13.69
C MET A 254 3.36 -3.56 -14.64
N GLN A 255 4.05 -2.76 -15.45
CA GLN A 255 5.00 -3.25 -16.44
C GLN A 255 6.40 -3.28 -15.84
N ARG A 256 6.46 -3.40 -14.51
CA ARG A 256 7.73 -3.44 -13.81
C ARG A 256 7.64 -4.55 -12.77
N ASN A 257 6.58 -5.33 -12.88
CA ASN A 257 6.25 -6.39 -11.93
C ASN A 257 5.86 -5.90 -10.54
N LEU A 258 5.51 -4.62 -10.45
CA LEU A 258 4.94 -4.06 -9.24
C LEU A 258 3.43 -4.32 -9.18
N VAL A 259 2.91 -4.38 -7.95
CA VAL A 259 1.48 -4.24 -7.71
C VAL A 259 1.17 -2.73 -7.59
N VAL A 260 -0.04 -2.32 -7.95
CA VAL A 260 -0.40 -0.89 -7.97
C VAL A 260 -1.79 -0.69 -7.38
N ILE A 261 -1.95 0.37 -6.58
CA ILE A 261 -3.21 0.50 -5.83
C ILE A 261 -3.80 1.90 -5.87
N PRO A 262 -4.16 2.37 -7.06
CA PRO A 262 -4.79 3.68 -7.23
C PRO A 262 -6.00 3.82 -6.30
N LYS A 263 -6.20 5.03 -5.80
CA LYS A 263 -7.30 5.32 -4.91
C LYS A 263 -8.33 6.12 -5.66
N SER A 264 -9.58 5.69 -5.60
CA SER A 264 -10.66 6.56 -6.01
C SER A 264 -11.93 6.24 -5.25
N VAL A 265 -12.80 7.25 -5.13
CA VAL A 265 -14.17 7.07 -4.65
C VAL A 265 -15.12 7.52 -5.77
N THR A 266 -14.55 8.09 -6.83
CA THR A 266 -15.31 8.46 -8.02
C THR A 266 -15.55 7.24 -8.91
N PRO A 267 -16.82 6.77 -9.00
CA PRO A 267 -17.13 5.50 -9.66
C PRO A 267 -16.66 5.46 -11.11
N GLU A 268 -16.77 6.58 -11.81
CA GLU A 268 -16.23 6.71 -13.15
C GLU A 268 -14.73 6.41 -13.13
N ARG A 269 -13.98 7.19 -12.37
CA ARG A 269 -12.52 7.00 -12.26
C ARG A 269 -12.14 5.56 -11.82
N ILE A 270 -12.76 5.07 -10.75
CA ILE A 270 -12.58 3.67 -10.33
C ILE A 270 -12.55 2.69 -11.51
N ALA A 271 -13.52 2.80 -12.42
CA ALA A 271 -13.62 1.93 -13.59
C ALA A 271 -12.65 2.30 -14.73
N GLU A 272 -12.45 3.60 -14.95
CA GLU A 272 -11.39 4.09 -15.84
C GLU A 272 -10.05 3.49 -15.41
N ASN A 273 -9.87 3.39 -14.09
CA ASN A 273 -8.67 2.82 -13.46
C ASN A 273 -8.50 1.31 -13.68
N PHE A 274 -9.58 0.59 -13.91
CA PHE A 274 -9.50 -0.85 -14.05
C PHE A 274 -9.36 -1.24 -15.52
N LYS A 275 -9.57 -0.27 -16.41
CA LYS A 275 -9.44 -0.53 -17.84
C LYS A 275 -7.99 -0.39 -18.25
N VAL A 276 -7.19 -1.36 -17.80
CA VAL A 276 -5.76 -1.43 -18.06
C VAL A 276 -5.24 -2.89 -18.22
N PHE A 277 -6.12 -3.87 -18.14
CA PHE A 277 -5.70 -5.24 -18.49
C PHE A 277 -5.69 -5.50 -20.01
N ASP A 278 -5.83 -4.41 -20.79
CA ASP A 278 -6.04 -4.53 -22.22
C ASP A 278 -5.30 -3.52 -23.10
N PHE A 279 -4.00 -3.34 -22.85
CA PHE A 279 -3.06 -2.72 -23.80
C PHE A 279 -1.59 -2.84 -23.33
N GLU A 280 -0.65 -2.21 -24.04
CA GLU A 280 0.76 -2.21 -23.63
C GLU A 280 1.51 -0.89 -23.91
N LEU A 281 2.40 -0.51 -23.00
CA LEU A 281 3.27 0.65 -23.19
C LEU A 281 4.59 0.24 -23.82
N SER A 282 5.16 1.12 -24.63
CA SER A 282 6.40 0.80 -25.34
C SER A 282 7.60 1.11 -24.48
N SER A 283 8.62 0.28 -24.65
CA SER A 283 9.88 0.47 -23.96
C SER A 283 10.44 1.86 -24.20
N GLN A 284 10.10 2.47 -25.33
CA GLN A 284 10.41 3.88 -25.56
C GLN A 284 9.92 4.72 -24.38
N ASP A 285 8.61 4.61 -24.12
CA ASP A 285 7.95 5.44 -23.12
C ASP A 285 8.33 5.05 -21.69
N MET A 286 8.38 3.75 -21.43
CA MET A 286 8.80 3.19 -20.15
C MET A 286 10.11 3.79 -19.63
N THR A 287 11.06 4.00 -20.54
CA THR A 287 12.37 4.52 -20.16
C THR A 287 12.31 6.06 -20.05
N THR A 288 11.47 6.64 -20.84
CA THR A 288 11.22 8.08 -20.78
C THR A 288 10.62 8.45 -19.43
N LEU A 289 9.61 7.66 -19.04
CA LEU A 289 8.94 7.82 -17.75
C LEU A 289 9.96 7.76 -16.61
N LEU A 290 10.64 6.62 -16.52
CA LEU A 290 11.73 6.42 -15.57
C LEU A 290 12.73 7.58 -15.52
N SER A 291 12.76 8.41 -16.57
CA SER A 291 13.68 9.53 -16.64
C SER A 291 13.12 10.77 -15.97
N TYR A 292 11.83 10.75 -15.68
CA TYR A 292 11.20 11.92 -15.07
C TYR A 292 11.54 12.02 -13.57
N ASN A 293 12.00 10.90 -13.01
CA ASN A 293 12.32 10.78 -11.58
C ASN A 293 12.99 12.03 -10.95
N ARG A 294 12.33 12.55 -9.93
CA ARG A 294 12.79 13.74 -9.23
CA ARG A 294 12.81 13.73 -9.23
C ARG A 294 13.18 13.40 -7.80
N ASN A 295 13.18 12.10 -7.48
CA ASN A 295 13.36 11.62 -6.09
C ASN A 295 12.43 12.41 -5.16
N TRP A 296 11.22 12.68 -5.65
CA TRP A 296 10.24 13.48 -4.93
C TRP A 296 9.25 12.58 -4.17
N ARG A 297 9.17 12.75 -2.85
CA ARG A 297 8.25 11.97 -2.03
C ARG A 297 6.98 12.71 -1.67
N VAL A 298 5.86 12.06 -1.93
CA VAL A 298 4.60 12.54 -1.41
C VAL A 298 4.51 12.22 0.09
N CYS A 299 4.88 10.99 0.49
CA CYS A 299 4.86 10.61 1.92
C CYS A 299 6.22 10.41 2.56
N ALA A 300 6.70 11.45 3.22
CA ALA A 300 8.03 11.51 3.80
C ALA A 300 8.05 11.43 5.32
N LEU A 301 6.85 11.36 5.94
CA LEU A 301 6.73 11.15 7.39
C LEU A 301 7.66 12.08 8.16
N LEU A 302 7.70 13.33 7.72
CA LEU A 302 8.69 14.32 8.20
C LEU A 302 8.63 14.55 9.71
N SER A 303 7.43 14.44 10.27
CA SER A 303 7.28 14.51 11.71
C SER A 303 8.11 13.42 12.41
N CYS A 304 8.56 12.41 11.64
CA CYS A 304 9.39 11.35 12.22
C CYS A 304 10.88 11.36 11.79
N THR A 305 11.38 12.47 11.27
CA THR A 305 12.79 12.50 10.83
C THR A 305 13.82 12.18 11.92
N SER A 306 13.50 12.47 13.18
CA SER A 306 14.40 12.09 14.28
C SER A 306 13.94 10.84 15.03
N HIS A 307 13.19 9.98 14.36
CA HIS A 307 12.88 8.66 14.86
C HIS A 307 13.97 7.67 14.40
N LYS A 308 14.52 6.92 15.34
CA LYS A 308 15.63 6.00 15.05
C LYS A 308 15.36 5.02 13.91
N ASP A 309 14.08 4.78 13.61
CA ASP A 309 13.68 3.86 12.56
C ASP A 309 13.07 4.59 11.37
N TYR A 310 13.17 5.91 11.38
CA TYR A 310 12.85 6.69 10.20
C TYR A 310 13.58 6.07 9.03
N PRO A 311 12.83 5.75 7.98
CA PRO A 311 13.34 4.94 6.88
C PRO A 311 13.95 5.76 5.73
N PHE A 312 13.67 7.05 5.65
CA PHE A 312 14.07 7.81 4.46
C PHE A 312 15.38 8.59 4.52
N HIS A 313 16.28 8.22 5.44
CA HIS A 313 17.58 8.85 5.53
C HIS A 313 18.51 8.10 4.60
N GLU A 314 18.38 6.77 4.63
CA GLU A 314 19.01 5.90 3.64
C GLU A 314 18.69 6.32 2.23
N GLU A 315 19.69 6.18 1.37
CA GLU A 315 19.54 6.43 -0.05
C GLU A 315 18.43 5.51 -0.57
N PHE A 316 18.41 4.29 -0.04
CA PHE A 316 17.42 3.32 -0.41
C PHE A 316 17.40 2.12 0.53
#